data_3BTR
#
_entry.id   3BTR
#
_cell.length_a   78.274
_cell.length_b   89.372
_cell.length_c   98.104
_cell.angle_alpha   90.00
_cell.angle_beta   90.00
_cell.angle_gamma   90.00
#
_symmetry.space_group_name_H-M   'P 21 21 21'
#
loop_
_entity.id
_entity.type
_entity.pdbx_description
1 polymer 'Importin subunit alpha-2'
2 polymer 'Androgen receptor'
3 water water
#
loop_
_entity_poly.entity_id
_entity_poly.type
_entity_poly.pdbx_seq_one_letter_code
_entity_poly.pdbx_strand_id
1 'polypeptide(L)'
;NQGTVNWSVEDIVKGINSNNLESQLQATQAARKLLSREKQPPIDNIIRAGLIPKFVSFLGKTDCSPIQFESAWALTNIAS
GTSEQTKAVVDGGAIPAFISLLASPHAHISEQAVWALGNIAGDGSAFRDLVIKHGAIDPLLALLAVPDLSTLACGYLRNL
TWTLSNLCRNKNPAPPLDAVEQILPTLVRLLHHNDPEVLADSCWAISYLTDGPNERIEMVVKKGVVPQLVKLLGATELPI
VTPALRAIGNIVTGTDEQTQKVIDAGALAVFPSLLTNPKTNIQKEATWTMSNITAGRQDQIQQVVNHGLVPFLVGVLSKA
DFKTQKEAAWAITNYTSGGTVEQIVYLVHCGIIEPLMNLLSAKDTKIIQVILDAISNIFQAAEKLGETEKLSIMIEECGG
LDKIEALQRHENESVYKASLNLIEKYF
;
C
2 'polypeptide(L)' EAGMTLGARKLKKLG B
#
# COMPACT_ATOMS: atom_id res chain seq x y z
N ASN A 1 32.75 -17.81 -13.67
CA ASN A 1 32.60 -19.28 -13.38
C ASN A 1 31.70 -19.96 -14.43
N GLN A 2 32.31 -20.44 -15.53
CA GLN A 2 31.58 -20.86 -16.75
C GLN A 2 31.12 -22.33 -16.81
N GLY A 3 31.72 -23.19 -15.99
CA GLY A 3 31.36 -24.60 -15.92
C GLY A 3 29.89 -24.85 -15.59
N THR A 4 29.32 -23.99 -14.73
CA THR A 4 28.00 -24.20 -14.11
C THR A 4 26.77 -23.71 -14.92
N VAL A 5 26.98 -23.34 -16.18
CA VAL A 5 25.88 -22.82 -16.99
C VAL A 5 25.02 -23.95 -17.56
N ASN A 6 23.74 -23.97 -17.17
CA ASN A 6 22.72 -24.76 -17.84
C ASN A 6 22.76 -26.29 -17.57
N TRP A 7 23.06 -26.68 -16.33
CA TRP A 7 23.05 -28.09 -15.95
C TRP A 7 21.63 -28.67 -15.98
N SER A 8 21.56 -29.98 -15.87
CA SER A 8 20.34 -30.68 -15.61
C SER A 8 20.16 -30.85 -14.10
N VAL A 9 18.93 -31.10 -13.72
CA VAL A 9 18.62 -31.32 -12.33
C VAL A 9 19.38 -32.54 -11.84
N GLU A 10 19.38 -33.61 -12.62
CA GLU A 10 20.02 -34.85 -12.16
C GLU A 10 21.54 -34.68 -11.95
N ASP A 11 22.18 -33.82 -12.74
CA ASP A 11 23.59 -33.49 -12.54
C ASP A 11 23.81 -32.65 -11.28
N ILE A 12 22.94 -31.65 -11.07
CA ILE A 12 22.95 -30.88 -9.82
C ILE A 12 22.82 -31.84 -8.64
N VAL A 13 21.90 -32.80 -8.73
CA VAL A 13 21.68 -33.78 -7.67
C VAL A 13 22.97 -34.59 -7.44
N LYS A 14 23.53 -35.14 -8.52
CA LYS A 14 24.79 -35.87 -8.47
C LYS A 14 25.87 -35.09 -7.72
N GLY A 15 26.01 -33.81 -8.04
CA GLY A 15 27.02 -32.95 -7.42
C GLY A 15 26.83 -32.71 -5.94
N ILE A 16 25.58 -32.53 -5.54
CA ILE A 16 25.26 -32.17 -4.18
C ILE A 16 25.39 -33.38 -3.24
N ASN A 17 25.18 -34.59 -3.77
CA ASN A 17 25.27 -35.83 -2.98
C ASN A 17 26.67 -36.45 -2.92
N SER A 18 27.66 -35.86 -3.60
CA SER A 18 29.07 -36.24 -3.39
C SER A 18 29.46 -35.77 -2.01
N ASN A 19 30.44 -36.40 -1.40
CA ASN A 19 30.95 -35.90 -0.12
C ASN A 19 32.11 -34.94 -0.38
N ASN A 20 31.91 -34.02 -1.33
CA ASN A 20 32.97 -33.14 -1.82
C ASN A 20 32.46 -31.72 -1.77
N LEU A 21 32.95 -30.96 -0.81
CA LEU A 21 32.38 -29.63 -0.56
C LEU A 21 32.40 -28.78 -1.82
N GLU A 22 33.48 -28.90 -2.58
CA GLU A 22 33.68 -28.11 -3.78
C GLU A 22 32.77 -28.58 -4.90
N SER A 23 32.58 -29.89 -5.03
CA SER A 23 31.63 -30.38 -6.03
C SER A 23 30.25 -29.86 -5.70
N GLN A 24 29.92 -29.96 -4.41
CA GLN A 24 28.66 -29.45 -3.91
C GLN A 24 28.53 -27.95 -4.21
N LEU A 25 29.64 -27.22 -4.10
CA LEU A 25 29.63 -25.80 -4.39
C LEU A 25 29.32 -25.54 -5.84
N GLN A 26 29.90 -26.31 -6.76
CA GLN A 26 29.63 -26.08 -8.19
C GLN A 26 28.19 -26.45 -8.48
N ALA A 27 27.74 -27.57 -7.93
CA ALA A 27 26.36 -28.00 -8.17
C ALA A 27 25.37 -26.96 -7.71
N THR A 28 25.61 -26.43 -6.52
CA THR A 28 24.72 -25.43 -5.94
C THR A 28 24.62 -24.17 -6.81
N GLN A 29 25.78 -23.70 -7.27
CA GLN A 29 25.83 -22.59 -8.18
C GLN A 29 25.06 -22.89 -9.45
N ALA A 30 25.28 -24.06 -10.01
CA ALA A 30 24.55 -24.43 -11.20
C ALA A 30 23.05 -24.38 -10.90
N ALA A 31 22.65 -24.84 -9.71
CA ALA A 31 21.24 -24.77 -9.28
C ALA A 31 20.76 -23.34 -9.16
N ARG A 32 21.60 -22.47 -8.59
CA ARG A 32 21.22 -21.08 -8.51
C ARG A 32 21.03 -20.50 -9.91
N LYS A 33 22.00 -20.70 -10.78
CA LYS A 33 21.85 -20.19 -12.15
C LYS A 33 20.59 -20.71 -12.85
N LEU A 34 20.17 -21.94 -12.57
CA LEU A 34 18.88 -22.44 -13.11
C LEU A 34 17.72 -21.61 -12.58
N LEU A 35 17.72 -21.38 -11.27
CA LEU A 35 16.65 -20.64 -10.60
C LEU A 35 16.72 -19.13 -10.81
N SER A 36 17.87 -18.64 -11.31
CA SER A 36 18.07 -17.23 -11.63
C SER A 36 17.58 -16.91 -13.02
N ARG A 37 17.38 -17.95 -13.84
CA ARG A 37 17.11 -17.74 -15.24
C ARG A 37 15.75 -17.08 -15.42
N GLU A 38 15.64 -16.32 -16.49
CA GLU A 38 14.57 -15.34 -16.66
C GLU A 38 13.21 -16.01 -16.89
N LYS A 39 13.24 -17.19 -17.51
CA LYS A 39 12.04 -17.78 -18.09
C LYS A 39 11.74 -19.16 -17.51
N GLN A 40 10.73 -19.21 -16.66
CA GLN A 40 10.18 -20.47 -16.13
C GLN A 40 11.24 -21.34 -15.47
N PRO A 41 11.85 -20.82 -14.39
CA PRO A 41 12.87 -21.61 -13.72
C PRO A 41 12.24 -22.84 -13.11
N PRO A 42 12.98 -23.94 -13.06
CA PRO A 42 12.40 -25.22 -12.69
C PRO A 42 12.29 -25.35 -11.16
N ILE A 43 11.60 -24.41 -10.54
CA ILE A 43 11.46 -24.42 -9.10
C ILE A 43 10.93 -25.78 -8.63
N ASP A 44 9.80 -26.22 -9.19
CA ASP A 44 9.17 -27.45 -8.69
C ASP A 44 10.03 -28.70 -8.83
N ASN A 45 10.94 -28.70 -9.80
CA ASN A 45 11.79 -29.87 -10.00
C ASN A 45 12.89 -29.95 -8.96
N ILE A 46 13.46 -28.78 -8.66
CA ILE A 46 14.48 -28.66 -7.64
C ILE A 46 13.90 -29.11 -6.31
N ILE A 47 12.69 -28.66 -6.01
CA ILE A 47 11.99 -29.12 -4.82
C ILE A 47 11.88 -30.65 -4.85
N ARG A 48 11.33 -31.18 -5.94
CA ARG A 48 11.10 -32.63 -6.10
C ARG A 48 12.36 -33.47 -5.97
N ALA A 49 13.49 -32.96 -6.43
CA ALA A 49 14.78 -33.66 -6.22
C ALA A 49 15.20 -33.76 -4.76
N GLY A 50 14.54 -33.04 -3.86
CA GLY A 50 14.88 -33.09 -2.43
C GLY A 50 16.07 -32.24 -2.03
N LEU A 51 16.32 -31.16 -2.80
CA LEU A 51 17.52 -30.32 -2.63
C LEU A 51 17.49 -29.27 -1.49
N ILE A 52 16.30 -28.97 -0.96
CA ILE A 52 16.17 -27.84 -0.06
C ILE A 52 16.92 -28.10 1.23
N PRO A 53 16.72 -29.26 1.83
CA PRO A 53 17.41 -29.49 3.08
C PRO A 53 18.91 -29.44 2.90
N LYS A 54 19.40 -29.83 1.73
CA LYS A 54 20.83 -29.78 1.47
C LYS A 54 21.22 -28.34 1.43
N PHE A 55 20.48 -27.56 0.65
CA PHE A 55 20.71 -26.11 0.60
C PHE A 55 20.72 -25.48 1.98
N VAL A 56 19.73 -25.80 2.79
CA VAL A 56 19.62 -25.19 4.10
C VAL A 56 20.89 -25.52 4.89
N SER A 57 21.25 -26.79 4.87
CA SER A 57 22.47 -27.26 5.48
C SER A 57 23.71 -26.46 5.06
N PHE A 58 23.74 -26.07 3.78
CA PHE A 58 24.87 -25.28 3.29
C PHE A 58 24.94 -23.88 3.87
N LEU A 59 23.78 -23.31 4.22
CA LEU A 59 23.76 -22.03 4.92
C LEU A 59 24.66 -22.02 6.18
N GLY A 60 24.77 -23.15 6.85
CA GLY A 60 25.52 -23.24 8.10
C GLY A 60 27.04 -23.46 7.97
N LYS A 61 27.56 -23.46 6.74
CA LYS A 61 28.97 -23.76 6.53
C LYS A 61 29.84 -22.51 6.50
N THR A 62 30.08 -21.96 7.69
CA THR A 62 30.89 -20.75 7.89
C THR A 62 32.21 -20.79 7.18
N ASP A 63 32.81 -21.97 7.24
CA ASP A 63 34.11 -22.24 6.67
C ASP A 63 34.15 -22.11 5.13
N CYS A 64 32.99 -22.06 4.47
CA CYS A 64 32.94 -21.97 2.98
C CYS A 64 31.86 -20.97 2.48
N SER A 65 32.18 -19.69 2.57
CA SER A 65 31.21 -18.64 2.32
C SER A 65 30.58 -18.68 0.91
N PRO A 66 31.36 -19.05 -0.11
CA PRO A 66 30.68 -19.10 -1.42
C PRO A 66 29.48 -20.05 -1.45
N ILE A 67 29.55 -21.17 -0.75
CA ILE A 67 28.41 -22.10 -0.80
C ILE A 67 27.23 -21.56 -0.02
N GLN A 68 27.54 -20.83 1.04
CA GLN A 68 26.56 -20.11 1.82
C GLN A 68 25.80 -19.16 0.92
N PHE A 69 26.56 -18.40 0.13
CA PHE A 69 26.01 -17.37 -0.74
C PHE A 69 25.07 -18.01 -1.76
N GLU A 70 25.58 -19.04 -2.42
CA GLU A 70 24.87 -19.69 -3.51
C GLU A 70 23.61 -20.40 -3.03
N SER A 71 23.70 -21.06 -1.89
CA SER A 71 22.51 -21.73 -1.36
C SER A 71 21.46 -20.70 -0.98
N ALA A 72 21.94 -19.56 -0.46
CA ALA A 72 21.11 -18.42 -0.08
C ALA A 72 20.32 -17.94 -1.28
N TRP A 73 21.05 -17.68 -2.34
CA TRP A 73 20.44 -17.14 -3.51
C TRP A 73 19.49 -18.17 -4.09
N ALA A 74 19.90 -19.44 -4.11
CA ALA A 74 19.03 -20.50 -4.63
C ALA A 74 17.72 -20.53 -3.83
N LEU A 75 17.84 -20.62 -2.51
CA LEU A 75 16.65 -20.66 -1.68
C LEU A 75 15.83 -19.39 -1.86
N THR A 76 16.49 -18.25 -1.86
CA THR A 76 15.85 -16.98 -2.07
C THR A 76 14.96 -17.01 -3.28
N ASN A 77 15.42 -17.66 -4.35
CA ASN A 77 14.64 -17.70 -5.59
C ASN A 77 13.55 -18.75 -5.59
N ILE A 78 13.71 -19.80 -4.80
CA ILE A 78 12.61 -20.73 -4.52
C ILE A 78 11.54 -20.05 -3.65
N ALA A 79 11.96 -19.35 -2.61
CA ALA A 79 11.03 -18.67 -1.70
C ALA A 79 10.27 -17.52 -2.38
N SER A 80 10.76 -17.10 -3.54
CA SER A 80 10.14 -16.03 -4.30
C SER A 80 8.97 -16.49 -5.15
N GLY A 81 8.68 -17.79 -5.20
CA GLY A 81 7.58 -18.30 -6.02
C GLY A 81 6.24 -18.32 -5.30
N THR A 82 5.47 -19.38 -5.53
CA THR A 82 4.15 -19.54 -4.93
C THR A 82 4.24 -19.77 -3.41
N SER A 83 3.10 -19.75 -2.74
CA SER A 83 3.05 -20.09 -1.32
C SER A 83 3.59 -21.49 -1.05
N GLU A 84 3.22 -22.45 -1.90
CA GLU A 84 3.70 -23.82 -1.73
C GLU A 84 5.24 -23.83 -1.78
N GLN A 85 5.79 -23.04 -2.67
CA GLN A 85 7.20 -23.05 -2.88
C GLN A 85 7.90 -22.43 -1.68
N THR A 86 7.42 -21.27 -1.24
CA THR A 86 7.97 -20.65 -0.02
C THR A 86 7.89 -21.59 1.19
N LYS A 87 6.83 -22.40 1.22
CA LYS A 87 6.57 -23.28 2.34
C LYS A 87 7.64 -24.34 2.36
N ALA A 88 8.09 -24.75 1.18
CA ALA A 88 9.05 -25.82 1.09
C ALA A 88 10.38 -25.31 1.65
N VAL A 89 10.68 -24.05 1.36
CA VAL A 89 11.86 -23.42 1.94
C VAL A 89 11.72 -23.36 3.45
N VAL A 90 10.55 -22.94 3.95
CA VAL A 90 10.38 -22.83 5.42
C VAL A 90 10.43 -24.19 6.09
N ASP A 91 9.85 -25.18 5.43
CA ASP A 91 9.83 -26.54 5.96
C ASP A 91 11.20 -27.18 6.02
N GLY A 92 12.17 -26.72 5.23
CA GLY A 92 13.57 -27.15 5.39
C GLY A 92 14.35 -26.54 6.57
N GLY A 93 13.70 -25.68 7.36
CA GLY A 93 14.36 -25.01 8.49
C GLY A 93 15.20 -23.81 8.08
N ALA A 94 14.84 -23.18 6.97
CA ALA A 94 15.61 -22.09 6.41
C ALA A 94 15.56 -20.86 7.29
N ILE A 95 14.48 -20.66 8.04
CA ILE A 95 14.35 -19.39 8.78
C ILE A 95 15.49 -19.17 9.79
N PRO A 96 15.63 -20.06 10.79
CA PRO A 96 16.69 -19.85 11.75
C PRO A 96 18.06 -19.78 11.10
N ALA A 97 18.23 -20.52 10.01
CA ALA A 97 19.52 -20.57 9.33
C ALA A 97 19.85 -19.23 8.66
N PHE A 98 18.84 -18.62 8.04
CA PHE A 98 18.99 -17.33 7.38
C PHE A 98 19.15 -16.24 8.42
N ILE A 99 18.47 -16.35 9.55
CA ILE A 99 18.61 -15.36 10.64
C ILE A 99 20.04 -15.41 11.15
N SER A 100 20.57 -16.62 11.29
CA SER A 100 21.96 -16.81 11.69
C SER A 100 22.94 -16.13 10.73
N LEU A 101 22.60 -16.08 9.45
CA LEU A 101 23.49 -15.42 8.48
C LEU A 101 23.43 -13.91 8.53
N LEU A 102 22.47 -13.33 9.23
CA LEU A 102 22.38 -11.88 9.21
C LEU A 102 23.67 -11.23 9.74
N ALA A 103 24.28 -11.83 10.76
CA ALA A 103 25.51 -11.26 11.34
C ALA A 103 26.76 -11.65 10.55
N SER A 104 26.59 -12.35 9.44
CA SER A 104 27.72 -12.80 8.65
C SER A 104 28.64 -11.65 8.31
N PRO A 105 29.95 -11.88 8.39
CA PRO A 105 30.94 -10.83 8.10
C PRO A 105 31.08 -10.52 6.64
N HIS A 106 30.46 -11.33 5.79
CA HIS A 106 30.45 -11.07 4.35
C HIS A 106 29.14 -10.35 4.05
N ALA A 107 29.23 -9.10 3.61
CA ALA A 107 28.07 -8.27 3.41
C ALA A 107 27.13 -8.87 2.38
N HIS A 108 27.68 -9.47 1.33
CA HIS A 108 26.84 -9.96 0.23
C HIS A 108 26.00 -11.13 0.70
N ILE A 109 26.54 -11.91 1.65
CA ILE A 109 25.84 -13.06 2.23
C ILE A 109 24.78 -12.60 3.21
N SER A 110 25.13 -11.63 4.06
CA SER A 110 24.15 -11.01 4.95
C SER A 110 22.95 -10.46 4.17
N GLU A 111 23.24 -9.76 3.09
CA GLU A 111 22.22 -9.20 2.24
C GLU A 111 21.30 -10.27 1.63
N GLN A 112 21.85 -11.45 1.31
CA GLN A 112 21.03 -12.52 0.76
C GLN A 112 20.10 -13.07 1.80
N ALA A 113 20.59 -13.17 3.04
CA ALA A 113 19.77 -13.56 4.15
C ALA A 113 18.59 -12.62 4.21
N VAL A 114 18.90 -11.33 4.25
CA VAL A 114 17.86 -10.31 4.37
C VAL A 114 16.81 -10.51 3.29
N TRP A 115 17.26 -10.82 2.09
CA TRP A 115 16.34 -10.93 0.95
C TRP A 115 15.44 -12.16 1.13
N ALA A 116 16.04 -13.25 1.60
CA ALA A 116 15.32 -14.49 1.76
C ALA A 116 14.18 -14.32 2.75
N LEU A 117 14.52 -13.82 3.93
CA LEU A 117 13.55 -13.56 4.98
C LEU A 117 12.48 -12.62 4.44
N GLY A 118 12.91 -11.69 3.59
CA GLY A 118 11.98 -10.79 2.95
C GLY A 118 10.94 -11.59 2.21
N ASN A 119 11.37 -12.47 1.31
CA ASN A 119 10.42 -13.31 0.57
C ASN A 119 9.57 -14.18 1.47
N ILE A 120 10.16 -14.75 2.53
CA ILE A 120 9.40 -15.61 3.45
C ILE A 120 8.34 -14.78 4.15
N ALA A 121 8.73 -13.67 4.74
CA ALA A 121 7.78 -12.84 5.48
C ALA A 121 6.70 -12.29 4.55
N GLY A 122 7.04 -12.05 3.30
CA GLY A 122 6.10 -11.50 2.35
C GLY A 122 4.98 -12.42 1.89
N ASP A 123 5.12 -13.72 2.14
CA ASP A 123 4.08 -14.68 1.77
C ASP A 123 2.76 -14.35 2.48
N GLY A 124 2.83 -14.02 3.74
CA GLY A 124 1.65 -13.73 4.51
C GLY A 124 1.90 -13.67 6.00
N SER A 125 0.79 -13.49 6.72
CA SER A 125 0.79 -13.28 8.14
C SER A 125 1.54 -14.33 8.91
N ALA A 126 1.23 -15.60 8.61
CA ALA A 126 1.75 -16.71 9.37
C ALA A 126 3.29 -16.74 9.30
N PHE A 127 3.83 -16.70 8.09
CA PHE A 127 5.27 -16.79 7.94
C PHE A 127 5.96 -15.54 8.46
N ARG A 128 5.29 -14.40 8.28
CA ARG A 128 5.77 -13.12 8.80
C ARG A 128 5.95 -13.26 10.30
N ASP A 129 4.90 -13.76 10.96
CA ASP A 129 4.93 -13.90 12.41
C ASP A 129 5.96 -14.95 12.79
N LEU A 130 6.15 -15.94 11.94
CA LEU A 130 7.08 -17.01 12.26
C LEU A 130 8.54 -16.51 12.19
N VAL A 131 8.80 -15.61 11.26
CA VAL A 131 10.11 -15.00 11.14
C VAL A 131 10.38 -14.15 12.34
N ILE A 132 9.34 -13.49 12.84
CA ILE A 132 9.47 -12.66 14.00
C ILE A 132 9.76 -13.50 15.24
N LYS A 133 8.99 -14.56 15.46
CA LYS A 133 9.23 -15.43 16.61
C LYS A 133 10.66 -16.00 16.64
N HIS A 134 11.18 -16.37 15.46
CA HIS A 134 12.56 -16.89 15.34
C HIS A 134 13.63 -15.80 15.64
N GLY A 135 13.21 -14.56 15.85
CA GLY A 135 14.09 -13.51 16.35
C GLY A 135 14.81 -12.71 15.29
N ALA A 136 14.15 -12.52 14.13
CA ALA A 136 14.79 -11.84 13.02
C ALA A 136 14.97 -10.36 13.24
N ILE A 137 14.15 -9.75 14.09
CA ILE A 137 14.13 -8.29 14.17
C ILE A 137 15.40 -7.68 14.79
N ASP A 138 15.88 -8.19 15.91
CA ASP A 138 17.12 -7.63 16.50
C ASP A 138 18.31 -7.57 15.54
N PRO A 139 18.62 -8.69 14.86
CA PRO A 139 19.67 -8.63 13.86
C PRO A 139 19.41 -7.74 12.65
N LEU A 140 18.16 -7.62 12.20
CA LEU A 140 17.89 -6.80 11.01
C LEU A 140 18.18 -5.37 11.40
N LEU A 141 17.64 -4.97 12.55
CA LEU A 141 17.78 -3.59 13.03
C LEU A 141 19.22 -3.25 13.36
N ALA A 142 19.96 -4.22 13.91
CA ALA A 142 21.36 -3.99 14.26
C ALA A 142 22.17 -3.65 13.01
N LEU A 143 21.77 -4.21 11.86
CA LEU A 143 22.45 -3.94 10.59
C LEU A 143 22.19 -2.54 10.13
N LEU A 144 21.15 -1.90 10.65
CA LEU A 144 20.89 -0.49 10.35
C LEU A 144 21.27 0.46 11.49
N ALA A 145 21.69 -0.04 12.66
CA ALA A 145 22.12 0.85 13.75
C ALA A 145 23.48 1.49 13.46
N VAL A 146 23.49 2.44 12.53
CA VAL A 146 24.67 3.22 12.19
C VAL A 146 24.35 4.74 12.24
N PRO A 147 25.37 5.58 12.49
CA PRO A 147 25.15 7.01 12.56
C PRO A 147 24.54 7.60 11.30
N ASP A 148 25.01 7.20 10.14
CA ASP A 148 24.53 7.73 8.88
C ASP A 148 24.27 6.60 7.90
N LEU A 149 22.99 6.47 7.56
CA LEU A 149 22.55 5.43 6.66
C LEU A 149 23.30 5.51 5.35
N SER A 150 23.71 6.71 4.97
CA SER A 150 24.41 6.89 3.70
C SER A 150 25.71 6.08 3.58
N THR A 151 26.33 5.65 4.69
CA THR A 151 27.55 4.86 4.58
C THR A 151 27.28 3.45 4.07
N LEU A 152 26.04 2.98 4.15
CA LEU A 152 25.70 1.61 3.74
C LEU A 152 25.57 1.52 2.24
N ALA A 153 25.78 0.32 1.71
CA ALA A 153 25.71 0.11 0.27
C ALA A 153 24.26 0.35 -0.20
N CYS A 154 24.12 0.94 -1.38
CA CYS A 154 22.83 1.31 -1.95
C CYS A 154 21.84 0.13 -1.93
N GLY A 155 22.29 -1.03 -2.42
CA GLY A 155 21.42 -2.20 -2.57
C GLY A 155 21.10 -2.86 -1.25
N TYR A 156 22.11 -2.94 -0.39
CA TYR A 156 21.99 -3.50 0.95
C TYR A 156 20.89 -2.80 1.71
N LEU A 157 20.88 -1.48 1.61
CA LEU A 157 19.94 -0.67 2.34
C LEU A 157 18.55 -0.78 1.73
N ARG A 158 18.47 -0.86 0.41
CA ARG A 158 17.17 -1.03 -0.25
C ARG A 158 16.58 -2.37 0.10
N ASN A 159 17.46 -3.36 0.26
CA ASN A 159 17.03 -4.70 0.56
C ASN A 159 16.46 -4.76 1.96
N LEU A 160 17.17 -4.13 2.90
CA LEU A 160 16.74 -4.12 4.30
C LEU A 160 15.45 -3.35 4.46
N THR A 161 15.32 -2.22 3.78
CA THR A 161 14.11 -1.44 3.91
C THR A 161 12.97 -2.32 3.41
N TRP A 162 13.17 -2.97 2.26
CA TRP A 162 12.10 -3.77 1.65
C TRP A 162 11.67 -4.94 2.54
N THR A 163 12.65 -5.63 3.11
CA THR A 163 12.35 -6.74 4.00
C THR A 163 11.58 -6.22 5.23
N LEU A 164 12.04 -5.14 5.85
CA LEU A 164 11.32 -4.59 7.01
C LEU A 164 9.90 -4.25 6.60
N SER A 165 9.77 -3.72 5.38
CA SER A 165 8.46 -3.37 4.88
C SER A 165 7.55 -4.62 4.88
N ASN A 166 8.10 -5.78 4.54
CA ASN A 166 7.29 -7.01 4.57
C ASN A 166 6.97 -7.46 5.98
N LEU A 167 7.84 -7.17 6.93
CA LEU A 167 7.53 -7.48 8.32
C LEU A 167 6.46 -6.52 8.86
N CYS A 168 6.24 -5.39 8.20
CA CYS A 168 5.14 -4.51 8.64
C CYS A 168 3.84 -4.87 7.93
N ARG A 169 3.91 -5.81 6.99
CA ARG A 169 2.84 -6.00 6.02
C ARG A 169 1.78 -7.03 6.39
N ASN A 170 0.61 -6.90 5.76
CA ASN A 170 -0.47 -7.86 5.84
C ASN A 170 -1.22 -7.68 7.13
N LYS A 171 -2.41 -8.24 7.16
CA LYS A 171 -3.43 -7.66 7.99
C LYS A 171 -4.47 -8.64 8.52
N ASN A 172 -4.15 -9.90 8.73
CA ASN A 172 -5.13 -10.73 9.42
C ASN A 172 -4.52 -11.94 10.06
N PRO A 173 -3.83 -11.75 11.19
CA PRO A 173 -3.73 -10.53 12.01
C PRO A 173 -2.69 -9.48 11.56
N ALA A 174 -2.75 -8.30 12.17
CA ALA A 174 -1.71 -7.31 12.00
C ALA A 174 -0.47 -7.84 12.73
N PRO A 175 0.70 -7.33 12.38
CA PRO A 175 1.93 -7.78 13.04
C PRO A 175 1.89 -7.54 14.54
N PRO A 176 2.61 -8.34 15.33
CA PRO A 176 2.58 -8.06 16.78
C PRO A 176 2.91 -6.61 17.12
N LEU A 177 2.15 -6.03 18.05
CA LEU A 177 2.34 -4.65 18.46
C LEU A 177 3.78 -4.39 18.86
N ASP A 178 4.36 -5.30 19.63
CA ASP A 178 5.71 -5.07 20.15
C ASP A 178 6.76 -5.08 19.05
N ALA A 179 6.49 -5.85 17.98
CA ALA A 179 7.39 -5.91 16.84
C ALA A 179 7.27 -4.62 16.03
N VAL A 180 6.08 -4.04 16.00
CA VAL A 180 5.92 -2.75 15.35
C VAL A 180 6.60 -1.67 16.14
N GLU A 181 6.41 -1.66 17.45
CA GLU A 181 7.11 -0.71 18.31
C GLU A 181 8.61 -0.82 18.08
N GLN A 182 9.10 -2.03 17.90
CA GLN A 182 10.53 -2.26 17.77
C GLN A 182 11.06 -1.74 16.42
N ILE A 183 10.28 -1.92 15.36
CA ILE A 183 10.68 -1.54 14.01
C ILE A 183 10.61 -0.02 13.74
N LEU A 184 9.55 0.62 14.24
CA LEU A 184 9.22 2.03 13.89
C LEU A 184 10.36 3.07 13.94
N PRO A 185 11.12 3.13 15.05
CA PRO A 185 12.20 4.13 15.09
C PRO A 185 13.14 4.04 13.91
N THR A 186 13.59 2.83 13.56
CA THR A 186 14.45 2.63 12.40
C THR A 186 13.66 3.02 11.17
N LEU A 187 12.41 2.58 11.09
CA LEU A 187 11.59 2.91 9.93
C LEU A 187 11.48 4.42 9.74
N VAL A 188 11.23 5.13 10.83
CA VAL A 188 11.14 6.57 10.77
C VAL A 188 12.44 7.12 10.18
N ARG A 189 13.57 6.60 10.64
CA ARG A 189 14.87 7.04 10.16
C ARG A 189 15.05 6.86 8.66
N LEU A 190 14.72 5.67 8.17
CA LEU A 190 14.69 5.36 6.74
C LEU A 190 13.77 6.29 5.94
N LEU A 191 12.67 6.72 6.55
CA LEU A 191 11.73 7.61 5.88
C LEU A 191 12.30 9.01 5.67
N HIS A 192 13.43 9.34 6.28
CA HIS A 192 14.11 10.62 6.06
C HIS A 192 15.37 10.48 5.20
N HIS A 193 15.60 9.29 4.64
CA HIS A 193 16.75 9.05 3.78
C HIS A 193 16.52 9.62 2.37
N ASN A 194 17.60 9.87 1.64
CA ASN A 194 17.53 10.55 0.34
C ASN A 194 17.49 9.62 -0.87
N ASP A 195 17.46 8.32 -0.66
CA ASP A 195 17.36 7.37 -1.77
C ASP A 195 15.88 7.10 -2.09
N PRO A 196 15.42 7.48 -3.28
CA PRO A 196 13.98 7.29 -3.56
C PRO A 196 13.42 5.86 -3.39
N GLU A 197 14.23 4.83 -3.65
CA GLU A 197 13.78 3.43 -3.48
C GLU A 197 13.54 3.14 -1.98
N VAL A 198 14.46 3.61 -1.13
CA VAL A 198 14.27 3.54 0.30
C VAL A 198 13.01 4.30 0.76
N LEU A 199 12.73 5.45 0.15
CA LEU A 199 11.57 6.25 0.56
C LEU A 199 10.27 5.57 0.18
N ALA A 200 10.24 5.04 -1.03
CA ALA A 200 9.07 4.32 -1.50
C ALA A 200 8.71 3.19 -0.53
N ASP A 201 9.70 2.40 -0.15
CA ASP A 201 9.43 1.21 0.64
C ASP A 201 9.18 1.55 2.09
N SER A 202 9.78 2.62 2.59
CA SER A 202 9.42 3.14 3.89
C SER A 202 7.94 3.53 3.87
N CYS A 203 7.54 4.27 2.86
CA CYS A 203 6.16 4.74 2.76
C CYS A 203 5.24 3.56 2.65
N TRP A 204 5.62 2.55 1.89
CA TRP A 204 4.82 1.33 1.89
C TRP A 204 4.67 0.79 3.32
N ALA A 205 5.79 0.66 4.04
CA ALA A 205 5.75 0.12 5.40
C ALA A 205 4.77 0.90 6.24
N ILE A 206 4.95 2.21 6.26
CA ILE A 206 4.03 3.10 6.97
C ILE A 206 2.60 2.91 6.48
N SER A 207 2.41 2.73 5.17
CA SER A 207 1.06 2.51 4.68
C SER A 207 0.49 1.20 5.22
N TYR A 208 1.32 0.19 5.40
CA TYR A 208 0.80 -1.08 5.92
C TYR A 208 0.44 -0.90 7.38
N LEU A 209 1.33 -0.27 8.15
CA LEU A 209 1.11 -0.10 9.59
C LEU A 209 -0.07 0.79 9.93
N THR A 210 -0.45 1.67 9.01
CA THR A 210 -1.58 2.56 9.22
C THR A 210 -2.87 1.97 8.68
N ASP A 211 -2.78 0.79 8.08
CA ASP A 211 -3.96 0.10 7.50
C ASP A 211 -4.63 -0.73 8.56
N GLY A 212 -5.40 -0.08 9.41
CA GLY A 212 -6.02 -0.78 10.51
C GLY A 212 -6.74 0.12 11.50
N PRO A 213 -6.99 -0.42 12.71
CA PRO A 213 -7.72 0.34 13.70
C PRO A 213 -6.93 1.54 14.19
N ASN A 214 -7.66 2.46 14.82
CA ASN A 214 -7.13 3.73 15.25
C ASN A 214 -5.88 3.64 16.14
N GLU A 215 -5.76 2.56 16.91
CA GLU A 215 -4.62 2.36 17.80
C GLU A 215 -3.35 2.13 17.00
N ARG A 216 -3.46 1.37 15.92
CA ARG A 216 -2.34 1.19 15.01
C ARG A 216 -1.95 2.50 14.37
N ILE A 217 -2.96 3.24 13.90
CA ILE A 217 -2.68 4.53 13.32
C ILE A 217 -1.96 5.44 14.33
N GLU A 218 -2.39 5.39 15.59
CA GLU A 218 -1.85 6.24 16.63
C GLU A 218 -0.38 5.99 16.88
N MET A 219 0.05 4.74 16.88
CA MET A 219 1.46 4.47 17.18
C MET A 219 2.38 4.98 16.08
N VAL A 220 1.83 5.12 14.88
CA VAL A 220 2.56 5.74 13.77
C VAL A 220 2.53 7.27 13.88
N VAL A 221 1.36 7.84 14.09
CA VAL A 221 1.23 9.28 14.18
C VAL A 221 2.03 9.83 15.39
N LYS A 222 2.04 9.09 16.50
CA LYS A 222 2.80 9.46 17.70
C LYS A 222 4.27 9.71 17.36
N LYS A 223 4.80 8.96 16.39
CA LYS A 223 6.23 9.06 16.05
C LYS A 223 6.59 10.26 15.18
N GLY A 224 5.58 11.07 14.82
CA GLY A 224 5.81 12.35 14.15
C GLY A 224 6.13 12.27 12.67
N VAL A 225 5.60 11.25 11.98
CA VAL A 225 5.91 11.01 10.56
C VAL A 225 4.99 11.75 9.60
N VAL A 226 3.89 12.29 10.08
CA VAL A 226 2.92 12.92 9.20
C VAL A 226 3.50 14.08 8.37
N PRO A 227 4.23 15.00 9.02
CA PRO A 227 4.91 16.04 8.23
C PRO A 227 5.77 15.50 7.10
N GLN A 228 6.51 14.44 7.35
CA GLN A 228 7.41 13.89 6.33
C GLN A 228 6.62 13.17 5.26
N LEU A 229 5.52 12.52 5.64
CA LEU A 229 4.65 11.92 4.65
C LEU A 229 4.11 12.98 3.71
N VAL A 230 3.63 14.09 4.27
CA VAL A 230 3.05 15.17 3.44
C VAL A 230 4.09 15.66 2.45
N LYS A 231 5.29 15.94 2.91
CA LYS A 231 6.40 16.28 2.03
C LYS A 231 6.57 15.27 0.88
N LEU A 232 6.50 13.98 1.21
CA LEU A 232 6.70 12.93 0.20
C LEU A 232 5.54 12.88 -0.75
N LEU A 233 4.38 13.33 -0.30
CA LEU A 233 3.19 13.35 -1.12
C LEU A 233 3.46 14.28 -2.30
N GLY A 234 4.41 15.20 -2.13
CA GLY A 234 4.75 16.12 -3.19
C GLY A 234 5.92 15.75 -4.07
N ALA A 235 6.41 14.53 -3.94
CA ALA A 235 7.57 14.09 -4.71
C ALA A 235 7.21 13.90 -6.16
N THR A 236 8.25 13.92 -6.99
CA THR A 236 8.07 13.76 -8.44
C THR A 236 7.84 12.31 -8.76
N GLU A 237 8.51 11.42 -8.01
CA GLU A 237 8.50 10.00 -8.29
C GLU A 237 7.18 9.34 -7.85
N LEU A 238 6.41 8.87 -8.83
CA LEU A 238 5.15 8.18 -8.60
C LEU A 238 5.20 7.01 -7.62
N PRO A 239 6.28 6.21 -7.68
CA PRO A 239 6.45 5.12 -6.73
C PRO A 239 6.69 5.59 -5.29
N ILE A 240 6.91 6.88 -5.09
CA ILE A 240 6.90 7.44 -3.74
C ILE A 240 5.54 8.03 -3.44
N VAL A 241 5.02 8.86 -4.34
CA VAL A 241 3.72 9.47 -4.12
C VAL A 241 2.68 8.37 -3.85
N THR A 242 2.67 7.30 -4.63
CA THR A 242 1.61 6.30 -4.47
C THR A 242 1.48 5.79 -3.02
N PRO A 243 2.55 5.26 -2.44
CA PRO A 243 2.43 4.83 -1.05
C PRO A 243 2.25 5.95 -0.05
N ALA A 244 2.88 7.10 -0.28
CA ALA A 244 2.69 8.23 0.63
C ALA A 244 1.20 8.57 0.72
N LEU A 245 0.54 8.61 -0.42
CA LEU A 245 -0.88 8.93 -0.45
C LEU A 245 -1.68 7.89 0.29
N ARG A 246 -1.33 6.61 0.12
CA ARG A 246 -2.03 5.54 0.82
C ARG A 246 -1.93 5.74 2.32
N ALA A 247 -0.74 6.12 2.81
CA ALA A 247 -0.53 6.27 4.25
C ALA A 247 -1.38 7.41 4.74
N ILE A 248 -1.36 8.52 4.03
CA ILE A 248 -2.16 9.67 4.45
C ILE A 248 -3.63 9.29 4.42
N GLY A 249 -4.05 8.58 3.38
CA GLY A 249 -5.46 8.20 3.26
C GLY A 249 -5.88 7.28 4.38
N ASN A 250 -4.95 6.43 4.83
CA ASN A 250 -5.24 5.50 5.90
C ASN A 250 -5.42 6.28 7.19
N ILE A 251 -4.44 7.16 7.46
CA ILE A 251 -4.42 7.90 8.68
C ILE A 251 -5.72 8.68 8.90
N VAL A 252 -6.30 9.21 7.83
CA VAL A 252 -7.53 10.00 7.95
C VAL A 252 -8.81 9.16 7.99
N THR A 253 -8.67 7.83 8.01
CA THR A 253 -9.80 6.93 8.32
C THR A 253 -9.97 6.83 9.85
N GLY A 254 -8.92 7.23 10.57
CA GLY A 254 -8.95 7.27 12.02
C GLY A 254 -9.76 8.41 12.65
N THR A 255 -9.31 8.83 13.83
CA THR A 255 -9.99 9.84 14.59
C THR A 255 -9.76 11.19 13.95
N ASP A 256 -10.67 12.12 14.24
CA ASP A 256 -10.58 13.47 13.73
C ASP A 256 -9.36 14.19 14.25
N GLU A 257 -8.91 13.82 15.44
CA GLU A 257 -7.64 14.33 15.98
C GLU A 257 -6.49 13.90 15.05
N GLN A 258 -6.54 12.64 14.61
CA GLN A 258 -5.54 12.09 13.68
C GLN A 258 -5.60 12.73 12.30
N THR A 259 -6.80 12.88 11.76
CA THR A 259 -6.94 13.63 10.52
C THR A 259 -6.32 15.02 10.65
N GLN A 260 -6.58 15.70 11.75
CA GLN A 260 -6.12 17.08 11.93
C GLN A 260 -4.62 17.22 11.77
N LYS A 261 -3.88 16.19 12.17
CA LYS A 261 -2.41 16.23 12.08
C LYS A 261 -1.99 16.38 10.63
N VAL A 262 -2.73 15.73 9.71
CA VAL A 262 -2.38 15.80 8.30
C VAL A 262 -2.74 17.18 7.77
N ILE A 263 -3.89 17.68 8.16
CA ILE A 263 -4.29 19.01 7.79
C ILE A 263 -3.23 19.98 8.34
N ASP A 264 -2.84 19.81 9.60
CA ASP A 264 -1.83 20.70 10.18
C ASP A 264 -0.48 20.64 9.43
N ALA A 265 -0.14 19.46 8.93
CA ALA A 265 1.14 19.24 8.28
C ALA A 265 1.21 19.84 6.88
N GLY A 266 0.08 20.28 6.33
CA GLY A 266 0.06 21.01 5.05
C GLY A 266 -0.53 20.20 3.90
N ALA A 267 -1.12 19.05 4.22
CA ALA A 267 -1.50 18.07 3.20
C ALA A 267 -2.41 18.66 2.16
N LEU A 268 -3.40 19.41 2.62
CA LEU A 268 -4.44 19.87 1.73
C LEU A 268 -3.87 20.71 0.55
N ALA A 269 -2.75 21.39 0.77
CA ALA A 269 -2.19 22.22 -0.29
C ALA A 269 -1.71 21.40 -1.47
N VAL A 270 -1.49 20.11 -1.30
CA VAL A 270 -1.03 19.25 -2.41
C VAL A 270 -2.20 18.69 -3.26
N PHE A 271 -3.42 18.77 -2.75
CA PHE A 271 -4.54 18.13 -3.41
C PHE A 271 -5.01 18.73 -4.73
N PRO A 272 -4.86 20.04 -4.92
CA PRO A 272 -5.17 20.53 -6.25
C PRO A 272 -4.44 19.73 -7.31
N SER A 273 -3.19 19.40 -7.02
CA SER A 273 -2.36 18.62 -7.95
C SER A 273 -2.85 17.18 -8.06
N LEU A 274 -3.05 16.55 -6.90
CA LEU A 274 -3.39 15.13 -6.80
C LEU A 274 -4.75 14.84 -7.40
N LEU A 275 -5.71 15.73 -7.14
CA LEU A 275 -7.05 15.55 -7.63
C LEU A 275 -7.11 15.79 -9.13
N THR A 276 -6.02 16.28 -9.72
CA THR A 276 -5.92 16.42 -11.18
C THR A 276 -4.88 15.50 -11.81
N ASN A 277 -4.17 14.75 -10.97
CA ASN A 277 -3.01 13.95 -11.37
C ASN A 277 -3.34 13.04 -12.54
N PRO A 278 -2.43 12.92 -13.51
CA PRO A 278 -2.79 12.10 -14.68
C PRO A 278 -2.84 10.58 -14.43
N LYS A 279 -2.25 10.08 -13.34
CA LYS A 279 -2.33 8.65 -13.04
C LYS A 279 -3.62 8.39 -12.34
N THR A 280 -4.49 7.64 -13.00
CA THR A 280 -5.87 7.49 -12.59
C THR A 280 -6.02 7.01 -11.14
N ASN A 281 -5.20 6.04 -10.73
CA ASN A 281 -5.26 5.53 -9.36
C ASN A 281 -4.89 6.61 -8.30
N ILE A 282 -3.95 7.50 -8.59
CA ILE A 282 -3.65 8.62 -7.64
C ILE A 282 -4.89 9.51 -7.47
N GLN A 283 -5.49 9.86 -8.58
CA GLN A 283 -6.73 10.62 -8.55
C GLN A 283 -7.79 9.92 -7.70
N LYS A 284 -7.89 8.60 -7.81
CA LYS A 284 -8.86 7.81 -7.07
C LYS A 284 -8.58 7.85 -5.57
N GLU A 285 -7.33 7.60 -5.21
CA GLU A 285 -6.95 7.58 -3.80
C GLU A 285 -6.94 8.97 -3.18
N ALA A 286 -6.66 9.98 -3.99
CA ALA A 286 -6.77 11.36 -3.53
C ALA A 286 -8.24 11.69 -3.22
N THR A 287 -9.15 11.33 -4.12
CA THR A 287 -10.55 11.64 -3.88
C THR A 287 -11.08 10.81 -2.70
N TRP A 288 -10.71 9.55 -2.64
CA TRP A 288 -10.99 8.71 -1.46
C TRP A 288 -10.55 9.39 -0.17
N THR A 289 -9.31 9.88 -0.14
CA THR A 289 -8.79 10.60 1.03
C THR A 289 -9.61 11.84 1.35
N MET A 290 -10.06 12.54 0.33
CA MET A 290 -10.87 13.72 0.54
C MET A 290 -12.15 13.35 1.22
N SER A 291 -12.72 12.21 0.85
CA SER A 291 -14.00 11.79 1.43
C SER A 291 -13.90 11.52 2.91
N ASN A 292 -12.74 11.03 3.35
CA ASN A 292 -12.54 10.79 4.78
C ASN A 292 -12.15 12.05 5.53
N ILE A 293 -11.90 13.13 4.81
CA ILE A 293 -11.76 14.44 5.42
C ILE A 293 -13.11 15.12 5.46
N THR A 294 -13.84 15.14 4.35
CA THR A 294 -15.17 15.73 4.39
C THR A 294 -16.08 14.98 5.37
N ALA A 295 -15.72 13.76 5.72
CA ALA A 295 -16.44 12.99 6.76
C ALA A 295 -16.21 13.53 8.16
N GLY A 296 -15.28 14.47 8.31
CA GLY A 296 -14.92 15.00 9.64
C GLY A 296 -15.78 16.13 10.19
N ARG A 297 -15.17 16.91 11.07
CA ARG A 297 -15.80 18.05 11.72
C ARG A 297 -16.01 19.19 10.73
N GLN A 298 -16.84 20.15 11.15
CA GLN A 298 -17.07 21.34 10.33
C GLN A 298 -15.82 22.21 10.15
N ASP A 299 -15.05 22.45 11.20
CA ASP A 299 -13.83 23.27 11.04
C ASP A 299 -12.83 22.61 10.09
N GLN A 300 -12.97 21.29 9.92
CA GLN A 300 -12.14 20.52 8.98
C GLN A 300 -12.66 20.65 7.55
N ILE A 301 -13.97 20.58 7.39
CA ILE A 301 -14.59 20.92 6.13
C ILE A 301 -14.21 22.37 5.73
N GLN A 302 -14.13 23.28 6.69
CA GLN A 302 -13.73 24.65 6.36
C GLN A 302 -12.35 24.68 5.74
N GLN A 303 -11.44 23.89 6.30
CA GLN A 303 -10.07 23.85 5.80
C GLN A 303 -10.07 23.33 4.36
N VAL A 304 -10.98 22.40 4.06
CA VAL A 304 -11.16 21.93 2.70
C VAL A 304 -11.67 23.06 1.82
N VAL A 305 -12.63 23.81 2.31
CA VAL A 305 -13.14 24.95 1.57
C VAL A 305 -12.04 26.01 1.34
N ASN A 306 -11.30 26.36 2.39
CA ASN A 306 -10.31 27.45 2.29
C ASN A 306 -9.12 27.15 1.36
N HIS A 307 -8.80 25.87 1.18
CA HIS A 307 -7.72 25.44 0.27
C HIS A 307 -8.21 25.31 -1.17
N GLY A 308 -9.48 25.62 -1.39
CA GLY A 308 -9.99 25.76 -2.73
C GLY A 308 -10.22 24.42 -3.39
N LEU A 309 -10.52 23.41 -2.58
CA LEU A 309 -10.62 22.05 -3.05
C LEU A 309 -12.02 21.70 -3.49
N VAL A 310 -13.02 22.45 -3.05
CA VAL A 310 -14.39 22.10 -3.50
C VAL A 310 -14.55 22.12 -5.03
N PRO A 311 -14.02 23.14 -5.70
CA PRO A 311 -14.04 23.11 -7.17
C PRO A 311 -13.29 21.93 -7.76
N PHE A 312 -12.29 21.42 -7.06
CA PHE A 312 -11.61 20.25 -7.55
C PHE A 312 -12.48 19.02 -7.46
N LEU A 313 -13.29 18.96 -6.41
CA LEU A 313 -14.25 17.88 -6.28
C LEU A 313 -15.34 18.00 -7.34
N VAL A 314 -15.85 19.22 -7.56
CA VAL A 314 -16.80 19.43 -8.65
C VAL A 314 -16.21 18.95 -9.95
N GLY A 315 -14.92 19.26 -10.13
CA GLY A 315 -14.18 18.81 -11.30
C GLY A 315 -14.18 17.31 -11.43
N VAL A 316 -13.73 16.62 -10.38
CA VAL A 316 -13.64 15.16 -10.44
C VAL A 316 -15.01 14.54 -10.63
N LEU A 317 -16.02 15.09 -9.98
CA LEU A 317 -17.38 14.60 -10.16
C LEU A 317 -17.81 14.75 -11.62
N SER A 318 -17.37 15.84 -12.26
CA SER A 318 -17.77 16.14 -13.64
C SER A 318 -17.09 15.24 -14.68
N LYS A 319 -15.81 14.95 -14.48
CA LYS A 319 -15.07 14.13 -15.40
C LYS A 319 -13.88 13.48 -14.72
N ALA A 320 -13.97 12.17 -14.58
CA ALA A 320 -12.87 11.35 -14.14
C ALA A 320 -13.23 9.91 -14.47
N ASP A 321 -12.25 9.03 -14.33
CA ASP A 321 -12.51 7.60 -14.31
C ASP A 321 -13.64 7.33 -13.32
N PHE A 322 -14.55 6.44 -13.69
CA PHE A 322 -15.76 6.19 -12.89
C PHE A 322 -15.52 5.86 -11.42
N LYS A 323 -14.51 5.04 -11.14
CA LYS A 323 -14.27 4.64 -9.76
C LYS A 323 -13.90 5.88 -8.93
N THR A 324 -13.23 6.85 -9.56
CA THR A 324 -12.91 8.12 -8.88
C THR A 324 -14.17 8.96 -8.71
N GLN A 325 -15.03 8.98 -9.71
CA GLN A 325 -16.29 9.70 -9.60
C GLN A 325 -17.07 9.18 -8.40
N LYS A 326 -17.03 7.86 -8.22
CA LYS A 326 -17.73 7.21 -7.12
C LYS A 326 -17.26 7.75 -5.76
N GLU A 327 -15.95 7.87 -5.59
CA GLU A 327 -15.40 8.45 -4.36
C GLU A 327 -15.74 9.91 -4.26
N ALA A 328 -15.83 10.59 -5.41
CA ALA A 328 -16.25 11.98 -5.42
C ALA A 328 -17.65 12.11 -4.82
N ALA A 329 -18.56 11.22 -5.24
CA ALA A 329 -19.91 11.24 -4.69
C ALA A 329 -19.86 11.11 -3.18
N TRP A 330 -19.15 10.09 -2.71
CA TRP A 330 -18.96 9.88 -1.26
C TRP A 330 -18.45 11.14 -0.60
N ALA A 331 -17.45 11.78 -1.18
CA ALA A 331 -16.85 12.94 -0.55
C ALA A 331 -17.87 14.08 -0.44
N ILE A 332 -18.77 14.17 -1.40
CA ILE A 332 -19.84 15.16 -1.35
C ILE A 332 -20.90 14.77 -0.31
N THR A 333 -21.37 13.53 -0.36
CA THR A 333 -22.34 13.09 0.64
C THR A 333 -21.81 13.27 2.06
N ASN A 334 -20.53 12.98 2.29
CA ASN A 334 -19.96 13.13 3.62
C ASN A 334 -19.96 14.60 4.02
N TYR A 335 -19.41 15.42 3.13
CA TYR A 335 -19.48 16.88 3.22
C TYR A 335 -20.89 17.34 3.58
N THR A 336 -21.90 16.83 2.88
CA THR A 336 -23.25 17.35 2.99
C THR A 336 -23.94 16.91 4.26
N SER A 337 -23.59 15.74 4.79
CA SER A 337 -24.21 15.27 6.03
C SER A 337 -23.67 15.98 7.28
N GLY A 338 -22.41 16.40 7.23
CA GLY A 338 -21.75 17.00 8.40
C GLY A 338 -21.54 18.49 8.32
N GLY A 339 -21.75 19.06 7.12
CA GLY A 339 -21.50 20.48 6.90
C GLY A 339 -22.51 21.41 7.56
N THR A 340 -22.18 22.69 7.55
CA THR A 340 -23.06 23.78 7.93
C THR A 340 -23.84 24.18 6.69
N VAL A 341 -25.00 24.80 6.90
CA VAL A 341 -25.81 25.33 5.78
C VAL A 341 -24.97 26.20 4.83
N GLU A 342 -24.14 27.06 5.41
CA GLU A 342 -23.28 27.95 4.63
C GLU A 342 -22.28 27.18 3.75
N GLN A 343 -21.76 26.09 4.30
CA GLN A 343 -20.81 25.23 3.59
C GLN A 343 -21.50 24.45 2.49
N ILE A 344 -22.74 24.03 2.74
CA ILE A 344 -23.50 23.29 1.72
C ILE A 344 -24.01 24.23 0.63
N VAL A 345 -24.24 25.49 1.00
CA VAL A 345 -24.65 26.48 0.02
C VAL A 345 -23.48 26.72 -0.93
N TYR A 346 -22.32 26.98 -0.35
CA TYR A 346 -21.09 27.14 -1.12
C TYR A 346 -20.90 26.00 -2.13
N LEU A 347 -21.06 24.79 -1.65
CA LEU A 347 -20.96 23.61 -2.51
C LEU A 347 -21.81 23.76 -3.78
N VAL A 348 -23.02 24.29 -3.63
CA VAL A 348 -23.92 24.47 -4.76
C VAL A 348 -23.51 25.62 -5.64
N HIS A 349 -23.01 26.70 -5.06
CA HIS A 349 -22.51 27.82 -5.87
C HIS A 349 -21.25 27.45 -6.67
N CYS A 350 -20.49 26.45 -6.19
CA CYS A 350 -19.36 25.89 -6.98
C CYS A 350 -19.81 24.99 -8.14
N GLY A 351 -21.10 24.69 -8.21
CA GLY A 351 -21.66 24.05 -9.39
C GLY A 351 -21.75 22.57 -9.25
N ILE A 352 -22.08 22.09 -8.06
CA ILE A 352 -22.10 20.64 -7.78
C ILE A 352 -23.31 19.92 -8.36
N ILE A 353 -24.45 20.61 -8.39
CA ILE A 353 -25.73 19.99 -8.81
C ILE A 353 -25.69 19.35 -10.17
N GLU A 354 -25.35 20.11 -11.20
CA GLU A 354 -25.39 19.56 -12.55
C GLU A 354 -24.59 18.25 -12.66
N PRO A 355 -23.28 18.27 -12.37
CA PRO A 355 -22.50 17.03 -12.56
C PRO A 355 -22.92 15.89 -11.62
N LEU A 356 -23.47 16.24 -10.47
CA LEU A 356 -24.03 15.27 -9.53
C LEU A 356 -25.25 14.59 -10.15
N MET A 357 -26.12 15.38 -10.77
CA MET A 357 -27.26 14.83 -11.51
C MET A 357 -26.87 13.95 -12.69
N ASN A 358 -25.78 14.27 -13.38
CA ASN A 358 -25.37 13.47 -14.53
C ASN A 358 -24.95 12.06 -14.14
N LEU A 359 -24.49 11.90 -12.91
CA LEU A 359 -24.09 10.60 -12.41
C LEU A 359 -25.27 9.69 -12.01
N LEU A 360 -26.49 10.20 -12.05
CA LEU A 360 -27.66 9.34 -11.87
C LEU A 360 -27.98 8.52 -13.13
N SER A 361 -27.27 8.77 -14.23
CA SER A 361 -27.30 7.90 -15.40
C SER A 361 -26.43 6.66 -15.24
N ALA A 362 -25.71 6.58 -14.12
CA ALA A 362 -24.85 5.43 -13.85
C ALA A 362 -25.65 4.17 -13.51
N LYS A 363 -25.10 3.02 -13.91
CA LYS A 363 -25.75 1.71 -13.70
C LYS A 363 -25.44 1.09 -12.35
N ASP A 364 -24.50 1.70 -11.62
CA ASP A 364 -24.10 1.24 -10.30
C ASP A 364 -25.13 1.71 -9.26
N THR A 365 -25.76 0.77 -8.58
CA THR A 365 -26.92 1.07 -7.74
C THR A 365 -26.53 1.66 -6.37
N LYS A 366 -25.27 1.48 -5.97
CA LYS A 366 -24.78 2.05 -4.70
C LYS A 366 -24.48 3.54 -4.85
N ILE A 367 -24.01 3.96 -6.03
CA ILE A 367 -23.65 5.35 -6.23
C ILE A 367 -24.90 6.21 -6.19
N ILE A 368 -25.98 5.69 -6.77
CA ILE A 368 -27.24 6.43 -6.86
C ILE A 368 -27.74 6.75 -5.45
N GLN A 369 -27.53 5.83 -4.52
CA GLN A 369 -27.96 6.02 -3.13
C GLN A 369 -27.17 7.12 -2.44
N VAL A 370 -25.86 7.06 -2.63
CA VAL A 370 -24.94 8.08 -2.16
C VAL A 370 -25.34 9.46 -2.67
N ILE A 371 -25.57 9.54 -3.99
CA ILE A 371 -25.93 10.78 -4.67
C ILE A 371 -27.27 11.33 -4.18
N LEU A 372 -28.29 10.49 -4.24
CA LEU A 372 -29.63 10.81 -3.71
C LEU A 372 -29.62 11.23 -2.24
N ASP A 373 -28.72 10.65 -1.45
CA ASP A 373 -28.62 11.01 -0.03
C ASP A 373 -28.05 12.41 0.07
N ALA A 374 -27.15 12.73 -0.87
CA ALA A 374 -26.54 14.04 -0.94
C ALA A 374 -27.58 15.08 -1.29
N ILE A 375 -28.44 14.75 -2.25
CA ILE A 375 -29.49 15.67 -2.69
C ILE A 375 -30.35 16.06 -1.51
N SER A 376 -30.84 15.03 -0.81
CA SER A 376 -31.66 15.21 0.37
C SER A 376 -30.97 16.15 1.33
N ASN A 377 -29.72 15.86 1.67
CA ASN A 377 -28.94 16.70 2.58
C ASN A 377 -28.88 18.15 2.11
N ILE A 378 -28.81 18.35 0.80
CA ILE A 378 -28.71 19.69 0.23
C ILE A 378 -30.07 20.39 0.29
N PHE A 379 -31.13 19.67 -0.05
CA PHE A 379 -32.49 20.18 0.18
C PHE A 379 -32.68 20.51 1.64
N GLN A 380 -32.35 19.58 2.53
CA GLN A 380 -32.40 19.83 3.99
C GLN A 380 -31.74 21.15 4.37
N ALA A 381 -30.70 21.55 3.62
CA ALA A 381 -30.01 22.83 3.85
C ALA A 381 -30.75 24.01 3.24
N ALA A 382 -31.39 23.80 2.08
CA ALA A 382 -32.23 24.83 1.46
C ALA A 382 -33.56 24.97 2.19
N GLU A 383 -34.04 23.90 2.80
CA GLU A 383 -35.29 23.93 3.57
C GLU A 383 -35.11 24.86 4.78
N LYS A 384 -33.87 25.00 5.25
CA LYS A 384 -33.58 25.87 6.40
C LYS A 384 -33.33 27.32 5.97
N LEU A 385 -33.39 27.59 4.67
CA LEU A 385 -33.24 28.95 4.11
C LEU A 385 -34.48 29.40 3.33
N GLY A 386 -35.44 28.50 3.10
CA GLY A 386 -36.64 28.81 2.32
C GLY A 386 -36.44 28.80 0.82
N GLU A 387 -35.37 28.16 0.35
CA GLU A 387 -35.00 28.21 -1.06
C GLU A 387 -35.04 26.83 -1.68
N THR A 388 -35.82 25.93 -1.07
CA THR A 388 -36.00 24.60 -1.61
C THR A 388 -36.44 24.67 -3.07
N GLU A 389 -37.29 25.64 -3.37
CA GLU A 389 -37.82 25.82 -4.73
C GLU A 389 -36.73 26.20 -5.73
N LYS A 390 -35.88 27.14 -5.36
CA LYS A 390 -34.78 27.55 -6.23
C LYS A 390 -33.93 26.34 -6.64
N LEU A 391 -33.66 25.46 -5.68
CA LEU A 391 -32.90 24.24 -5.92
C LEU A 391 -33.67 23.27 -6.83
N SER A 392 -34.96 23.09 -6.55
CA SER A 392 -35.84 22.29 -7.41
C SER A 392 -35.70 22.72 -8.86
N ILE A 393 -35.90 24.03 -9.11
CA ILE A 393 -35.75 24.59 -10.45
C ILE A 393 -34.39 24.24 -11.01
N MET A 394 -33.35 24.47 -10.19
CA MET A 394 -31.95 24.23 -10.58
C MET A 394 -31.79 22.81 -11.08
N ILE A 395 -32.38 21.86 -10.34
CA ILE A 395 -32.32 20.45 -10.72
C ILE A 395 -33.16 20.15 -11.96
N GLU A 396 -34.22 20.92 -12.22
CA GLU A 396 -34.93 20.85 -13.51
C GLU A 396 -34.03 21.29 -14.67
N GLU A 397 -33.43 22.48 -14.54
CA GLU A 397 -32.59 23.07 -15.60
C GLU A 397 -31.67 22.05 -16.25
N CYS A 398 -30.90 21.33 -15.44
CA CYS A 398 -29.88 20.41 -15.93
C CYS A 398 -30.43 19.03 -16.26
N GLY A 399 -31.76 18.86 -16.16
CA GLY A 399 -32.41 17.58 -16.49
C GLY A 399 -32.33 16.55 -15.38
N GLY A 400 -32.28 17.01 -14.14
CA GLY A 400 -32.10 16.15 -12.99
C GLY A 400 -33.40 15.50 -12.55
N LEU A 401 -34.46 16.30 -12.49
CA LEU A 401 -35.78 15.79 -12.17
C LEU A 401 -36.19 14.66 -13.13
N ASP A 402 -35.93 14.87 -14.42
CA ASP A 402 -36.10 13.81 -15.43
C ASP A 402 -35.48 12.48 -15.00
N LYS A 403 -34.26 12.55 -14.48
CA LYS A 403 -33.54 11.35 -14.04
C LYS A 403 -34.07 10.81 -12.70
N ILE A 404 -34.47 11.70 -11.79
CA ILE A 404 -35.01 11.25 -10.51
C ILE A 404 -36.34 10.50 -10.67
N GLU A 405 -37.19 10.98 -11.59
CA GLU A 405 -38.48 10.31 -11.92
C GLU A 405 -38.32 8.91 -12.47
N ALA A 406 -37.33 8.74 -13.36
CA ALA A 406 -36.99 7.40 -13.86
C ALA A 406 -36.45 6.49 -12.74
N LEU A 407 -35.77 7.07 -11.76
CA LEU A 407 -35.23 6.30 -10.62
C LEU A 407 -36.31 5.98 -9.57
N GLN A 408 -37.46 6.63 -9.68
CA GLN A 408 -38.65 6.23 -8.92
C GLN A 408 -39.12 4.82 -9.31
N ARG A 409 -38.64 4.32 -10.46
CA ARG A 409 -38.95 2.98 -10.99
C ARG A 409 -37.70 2.11 -11.14
N HIS A 410 -36.72 2.32 -10.26
CA HIS A 410 -35.52 1.49 -10.23
C HIS A 410 -35.88 0.21 -9.48
N GLU A 411 -35.16 -0.87 -9.79
CA GLU A 411 -35.41 -2.16 -9.12
C GLU A 411 -35.06 -2.16 -7.61
N ASN A 412 -33.88 -1.66 -7.23
CA ASN A 412 -33.50 -1.58 -5.81
C ASN A 412 -34.51 -0.73 -5.03
N GLU A 413 -34.83 -1.16 -3.81
CA GLU A 413 -35.89 -0.51 -3.02
C GLU A 413 -35.38 0.76 -2.34
N SER A 414 -34.22 0.66 -1.71
CA SER A 414 -33.60 1.82 -1.06
C SER A 414 -33.55 3.01 -2.02
N VAL A 415 -33.30 2.72 -3.30
CA VAL A 415 -33.36 3.71 -4.37
C VAL A 415 -34.76 4.30 -4.52
N TYR A 416 -35.70 3.51 -5.04
CA TYR A 416 -37.02 4.04 -5.46
C TYR A 416 -37.80 4.70 -4.30
N LYS A 417 -37.46 4.32 -3.07
CA LYS A 417 -38.04 4.94 -1.87
C LYS A 417 -37.48 6.33 -1.64
N ALA A 418 -36.16 6.48 -1.78
CA ALA A 418 -35.50 7.79 -1.68
C ALA A 418 -35.92 8.70 -2.84
N SER A 419 -36.05 8.10 -4.02
CA SER A 419 -36.55 8.81 -5.20
C SER A 419 -37.94 9.35 -4.95
N LEU A 420 -38.89 8.45 -4.69
CA LEU A 420 -40.29 8.80 -4.43
C LEU A 420 -40.34 9.95 -3.45
N ASN A 421 -39.69 9.76 -2.30
CA ASN A 421 -39.65 10.79 -1.27
C ASN A 421 -39.34 12.16 -1.85
N LEU A 422 -38.27 12.26 -2.65
CA LEU A 422 -37.80 13.55 -3.18
C LEU A 422 -38.83 14.19 -4.10
N ILE A 423 -39.30 13.44 -5.11
CA ILE A 423 -40.32 13.94 -6.06
C ILE A 423 -41.50 14.58 -5.33
N GLU A 424 -42.18 13.79 -4.51
CA GLU A 424 -43.36 14.28 -3.80
C GLU A 424 -43.01 15.44 -2.86
N LYS A 425 -41.89 15.33 -2.15
CA LYS A 425 -41.54 16.33 -1.13
C LYS A 425 -41.13 17.70 -1.69
N TYR A 426 -40.51 17.72 -2.88
CA TYR A 426 -39.98 18.97 -3.44
C TYR A 426 -40.42 19.28 -4.88
N PHE A 427 -41.22 18.41 -5.50
CA PHE A 427 -41.68 18.60 -6.88
C PHE A 427 -43.16 18.21 -7.10
N GLU B 1 21.90 3.90 -10.41
CA GLU B 1 21.27 2.55 -10.21
C GLU B 1 19.77 2.73 -9.93
N ALA B 2 18.94 2.23 -10.82
CA ALA B 2 17.49 2.21 -10.59
C ALA B 2 17.10 0.83 -10.12
N GLY B 3 15.84 0.69 -9.77
CA GLY B 3 15.32 -0.57 -9.27
C GLY B 3 14.35 -0.27 -8.18
N MET B 4 13.13 0.09 -8.57
CA MET B 4 12.05 0.34 -7.63
C MET B 4 11.33 -0.98 -7.38
N THR B 5 11.16 -1.31 -6.10
CA THR B 5 10.56 -2.57 -5.71
C THR B 5 9.09 -2.57 -6.09
N LEU B 6 8.52 -1.37 -6.22
CA LEU B 6 7.07 -1.20 -6.21
C LEU B 6 6.65 -1.91 -4.91
N GLY B 7 5.39 -2.27 -4.73
CA GLY B 7 5.01 -2.80 -3.42
C GLY B 7 5.14 -4.30 -3.33
N ALA B 8 6.15 -4.90 -3.98
CA ALA B 8 6.13 -6.35 -4.31
C ALA B 8 6.26 -7.26 -3.09
N ARG B 9 5.39 -8.28 -3.00
CA ARG B 9 5.44 -9.26 -1.90
C ARG B 9 6.71 -10.09 -1.98
N LYS B 10 7.05 -10.55 -3.20
CA LYS B 10 8.25 -11.35 -3.40
C LYS B 10 9.11 -10.81 -4.56
N LEU B 11 10.41 -10.98 -4.43
CA LEU B 11 11.40 -10.52 -5.42
C LEU B 11 12.32 -11.67 -5.77
N LYS B 12 12.38 -12.00 -7.05
CA LYS B 12 13.29 -12.99 -7.58
C LYS B 12 14.60 -12.27 -7.89
N LYS B 13 15.74 -12.86 -7.51
CA LYS B 13 17.04 -12.24 -7.81
C LYS B 13 17.55 -12.66 -9.19
N LEU B 14 17.56 -11.72 -10.13
CA LEU B 14 18.01 -11.99 -11.49
C LEU B 14 19.53 -12.09 -11.56
N GLY B 15 20.03 -12.82 -12.56
CA GLY B 15 21.47 -13.09 -12.72
C GLY B 15 22.33 -11.84 -12.91
#